data_7ZHP
#
_entry.id   7ZHP
#
_cell.length_a   172.288
_cell.length_b   39.793
_cell.length_c   49.791
_cell.angle_alpha   90.000
_cell.angle_beta   103.230
_cell.angle_gamma   90.000
#
_symmetry.space_group_name_H-M   'C 1 2 1'
#
loop_
_entity.id
_entity.type
_entity.pdbx_description
1 polymer 'Tau-tubulin kinase 1'
2 non-polymer 'PHOSPHATE ION'
3 non-polymer 1,2-ETHANEDIOL
4 non-polymer 1-(4-azanyl-3,5,12-triazatetracyclo[9.7.0.0^{2,7}.0^{13,18}]octadeca-1(11),2,4,6,13(18),14,16-heptaen-16-yl)-3-ethyl-pent-1-yn-3-ol
5 water water
#
_entity_poly.entity_id   1
_entity_poly.type   'polypeptide(L)'
_entity_poly.pdbx_seq_one_letter_code
;MNMSGGGEQADILPANYVVKDRWKVLKKIGGGGFGEIYEAMDLLTRENVALKVESAQQPKQVLKMEVAVLKKLQGKDHVC
RFIGCGRNEKFNYVVMQLQGRNLADLRRSQPRGTFTLSTTLRLGKQILESIEAIHSVGFLHRDIKPSNFAMGRLPSTYRK
CYMLDFGLARQYTNTTGDVRPPRNVAGFRGTVRYASVNAHKNREMGRHDDLWSLFYMLVEFAVGQLPWRKIKDKEQVGMI
KEKYEHRMLLKHMPSEFHLFLDHIASLDYFTKPDYQLIMSVFENSMKERGIAENEAFDWEKAGTDALLS
;
_entity_poly.pdbx_strand_id   A
#
loop_
_chem_comp.id
_chem_comp.type
_chem_comp.name
_chem_comp.formula
EDO non-polymer 1,2-ETHANEDIOL 'C2 H6 O2'
IQY non-polymer 1-(4-azanyl-3,5,12-triazatetracyclo[9.7.0.0^{2,7}.0^{13,18}]octadeca-1(11),2,4,6,13(18),14,16-heptaen-16-yl)-3-ethyl-pent-1-yn-3-ol 'C22 H24 N4 O'
PO4 non-polymer 'PHOSPHATE ION' 'O4 P -3'
#
# COMPACT_ATOMS: atom_id res chain seq x y z
N ALA A 10 -25.40 6.98 10.99
CA ALA A 10 -25.04 7.49 9.63
C ALA A 10 -24.12 6.49 8.89
N ASP A 11 -24.07 5.20 9.30
CA ASP A 11 -23.33 4.12 8.59
C ASP A 11 -24.14 3.71 7.34
N ILE A 12 -23.49 3.42 6.22
CA ILE A 12 -24.21 3.09 4.95
C ILE A 12 -25.00 1.79 5.12
N LEU A 13 -24.45 0.78 5.79
CA LEU A 13 -25.16 -0.52 6.04
C LEU A 13 -25.23 -0.79 7.55
N PRO A 14 -26.43 -1.15 8.06
CA PRO A 14 -26.57 -1.64 9.43
C PRO A 14 -26.15 -3.11 9.58
N ALA A 15 -25.78 -3.50 10.81
CA ALA A 15 -25.42 -4.88 11.15
C ALA A 15 -26.56 -5.80 10.71
N ASN A 16 -26.21 -6.96 10.18
CA ASN A 16 -27.14 -8.05 9.76
C ASN A 16 -27.83 -7.65 8.45
N TYR A 17 -27.57 -6.45 7.90
CA TYR A 17 -28.00 -6.12 6.53
C TYR A 17 -27.39 -7.14 5.57
N VAL A 18 -28.22 -7.66 4.66
CA VAL A 18 -27.79 -8.70 3.67
C VAL A 18 -27.69 -8.06 2.29
N VAL A 19 -26.53 -8.17 1.68
CA VAL A 19 -26.26 -7.70 0.29
C VAL A 19 -26.47 -8.89 -0.67
N LYS A 20 -27.37 -8.68 -1.65
CA LYS A 20 -27.63 -9.57 -2.81
C LYS A 20 -27.95 -11.02 -2.31
N ASP A 21 -28.73 -11.08 -1.22
CA ASP A 21 -29.16 -12.35 -0.54
C ASP A 21 -27.96 -13.22 -0.20
N ARG A 22 -26.76 -12.66 0.01
CA ARG A 22 -25.56 -13.52 0.17
C ARG A 22 -24.61 -12.99 1.26
N TRP A 23 -24.25 -11.68 1.21
CA TRP A 23 -23.21 -11.16 2.16
C TRP A 23 -23.88 -10.33 3.34
N LYS A 24 -23.75 -10.97 4.54
CA LYS A 24 -24.44 -10.50 5.77
C LYS A 24 -23.44 -9.67 6.59
N VAL A 25 -23.75 -8.39 6.78
CA VAL A 25 -22.87 -7.44 7.52
C VAL A 25 -22.75 -7.92 8.95
N LEU A 26 -21.52 -8.10 9.43
CA LEU A 26 -21.22 -8.44 10.84
C LEU A 26 -20.84 -7.16 11.59
N LYS A 27 -19.94 -6.36 11.03
CA LYS A 27 -19.47 -5.09 11.66
C LYS A 27 -18.70 -4.23 10.67
N LYS A 28 -18.60 -2.95 10.98
CA LYS A 28 -17.73 -2.00 10.23
C LYS A 28 -16.29 -2.20 10.71
N ILE A 29 -15.34 -2.23 9.79
CA ILE A 29 -13.90 -2.45 10.12
C ILE A 29 -13.05 -1.32 9.55
N GLY A 30 -13.67 -0.39 8.80
CA GLY A 30 -12.95 0.80 8.30
C GLY A 30 -13.90 1.85 7.77
N GLY A 31 -13.46 3.09 7.69
CA GLY A 31 -14.33 4.24 7.40
C GLY A 31 -13.55 5.48 7.07
N GLY A 32 -14.18 6.42 6.36
CA GLY A 32 -13.57 7.66 5.86
C GLY A 32 -14.54 8.40 4.97
N GLY A 33 -14.09 9.49 4.34
CA GLY A 33 -14.94 10.41 3.55
C GLY A 33 -15.64 9.69 2.41
N PHE A 34 -14.95 8.77 1.73
CA PHE A 34 -15.29 8.30 0.37
C PHE A 34 -15.88 6.88 0.41
N GLY A 35 -15.99 6.28 1.60
CA GLY A 35 -16.83 5.08 1.82
C GLY A 35 -16.45 4.34 3.08
N GLU A 36 -16.93 3.08 3.20
CA GLU A 36 -16.85 2.26 4.43
C GLU A 36 -16.53 0.81 4.06
N ILE A 37 -15.87 0.10 4.96
CA ILE A 37 -15.51 -1.33 4.78
C ILE A 37 -16.12 -2.10 5.96
N TYR A 38 -16.77 -3.20 5.64
CA TYR A 38 -17.44 -4.11 6.60
C TYR A 38 -16.80 -5.50 6.50
N GLU A 39 -16.73 -6.19 7.63
CA GLU A 39 -16.61 -7.66 7.66
C GLU A 39 -18.02 -8.24 7.50
N ALA A 40 -18.21 -9.15 6.54
CA ALA A 40 -19.50 -9.80 6.30
C ALA A 40 -19.33 -11.32 6.28
N MET A 41 -20.42 -12.02 6.59
CA MET A 41 -20.44 -13.49 6.37
C MET A 41 -20.98 -13.80 4.95
N ASP A 42 -20.27 -14.67 4.22
CA ASP A 42 -20.71 -15.22 2.93
C ASP A 42 -21.65 -16.39 3.26
N LEU A 43 -22.97 -16.17 3.06
CA LEU A 43 -24.00 -17.19 3.38
C LEU A 43 -23.91 -18.37 2.40
N LEU A 44 -23.09 -18.26 1.32
CA LEU A 44 -22.94 -19.44 0.36
C LEU A 44 -21.70 -20.29 0.76
N THR A 45 -20.51 -19.67 0.76
CA THR A 45 -19.21 -20.37 0.96
C THR A 45 -18.81 -20.44 2.46
N ARG A 46 -19.48 -19.65 3.30
CA ARG A 46 -19.54 -19.76 4.82
C ARG A 46 -18.28 -19.14 5.41
N GLU A 47 -17.36 -18.60 4.58
CA GLU A 47 -16.23 -17.78 5.09
C GLU A 47 -16.70 -16.33 5.33
N ASN A 48 -15.90 -15.55 6.10
CA ASN A 48 -16.11 -14.10 6.19
C ASN A 48 -15.27 -13.43 5.08
N VAL A 49 -15.76 -12.27 4.65
CA VAL A 49 -15.24 -11.47 3.52
C VAL A 49 -15.17 -10.00 3.96
N ALA A 50 -14.47 -9.21 3.17
CA ALA A 50 -14.48 -7.74 3.24
C ALA A 50 -15.48 -7.21 2.22
N LEU A 51 -16.35 -6.34 2.67
CA LEU A 51 -17.41 -5.70 1.85
C LEU A 51 -17.17 -4.18 1.91
N LYS A 52 -16.69 -3.61 0.81
CA LYS A 52 -16.41 -2.14 0.72
C LYS A 52 -17.54 -1.46 -0.05
N VAL A 53 -18.06 -0.36 0.49
CA VAL A 53 -19.26 0.30 -0.07
C VAL A 53 -19.00 1.81 -0.26
N GLU A 54 -19.73 2.38 -1.19
CA GLU A 54 -19.65 3.81 -1.56
C GLU A 54 -21.09 4.28 -1.75
N SER A 55 -21.48 5.38 -1.13
CA SER A 55 -22.84 5.94 -1.29
C SER A 55 -23.12 6.20 -2.78
N ALA A 56 -24.31 5.83 -3.26
CA ALA A 56 -24.77 6.04 -4.65
C ALA A 56 -24.75 7.56 -4.98
N GLN A 57 -24.96 8.39 -3.94
CA GLN A 57 -25.13 9.88 -4.04
C GLN A 57 -23.77 10.57 -4.09
N GLN A 58 -22.74 9.96 -3.51
CA GLN A 58 -21.39 10.55 -3.40
C GLN A 58 -20.99 11.22 -4.72
N PRO A 59 -20.55 12.51 -4.70
CA PRO A 59 -20.13 13.22 -5.91
C PRO A 59 -18.94 12.56 -6.63
N LYS A 60 -17.85 12.31 -5.90
CA LYS A 60 -16.66 11.57 -6.41
C LYS A 60 -16.92 10.06 -6.28
N GLN A 61 -17.22 9.41 -7.42
CA GLN A 61 -17.48 7.96 -7.57
C GLN A 61 -16.15 7.27 -7.92
N VAL A 62 -15.49 6.72 -6.92
CA VAL A 62 -14.10 6.20 -7.02
C VAL A 62 -14.10 4.65 -6.98
N LEU A 63 -15.08 4.04 -6.32
CA LEU A 63 -15.11 2.55 -6.14
C LEU A 63 -15.04 1.83 -7.52
N LYS A 64 -15.71 2.34 -8.55
CA LYS A 64 -15.67 1.73 -9.91
C LYS A 64 -14.21 1.63 -10.40
N MET A 65 -13.39 2.64 -10.14
CA MET A 65 -11.97 2.59 -10.59
C MET A 65 -11.20 1.57 -9.73
N GLU A 66 -11.39 1.57 -8.40
CA GLU A 66 -10.77 0.60 -7.46
C GLU A 66 -11.05 -0.83 -7.92
N VAL A 67 -12.32 -1.14 -8.24
CA VAL A 67 -12.71 -2.49 -8.70
C VAL A 67 -12.00 -2.82 -10.01
N ALA A 68 -11.92 -1.85 -10.94
CA ALA A 68 -11.27 -2.12 -12.25
C ALA A 68 -9.81 -2.52 -11.99
N VAL A 69 -9.14 -1.80 -11.08
CA VAL A 69 -7.72 -2.09 -10.74
C VAL A 69 -7.61 -3.48 -10.08
N LEU A 70 -8.47 -3.78 -9.10
CA LEU A 70 -8.47 -5.10 -8.44
C LEU A 70 -8.65 -6.23 -9.47
N LYS A 71 -9.54 -6.04 -10.44
CA LYS A 71 -9.82 -7.08 -11.47
C LYS A 71 -8.58 -7.25 -12.36
N LYS A 72 -7.90 -6.17 -12.72
CA LYS A 72 -6.68 -6.27 -13.57
C LYS A 72 -5.56 -7.02 -12.84
N LEU A 73 -5.57 -7.01 -11.50
CA LEU A 73 -4.47 -7.57 -10.68
C LEU A 73 -4.77 -9.04 -10.31
N GLN A 74 -5.93 -9.59 -10.66
CA GLN A 74 -6.25 -10.98 -10.27
C GLN A 74 -5.21 -11.89 -10.91
N GLY A 75 -4.76 -12.91 -10.16
CA GLY A 75 -3.71 -13.84 -10.61
C GLY A 75 -2.32 -13.43 -10.11
N LYS A 76 -2.12 -12.16 -9.73
CA LYS A 76 -0.83 -11.71 -9.12
C LYS A 76 -0.82 -12.08 -7.63
N ASP A 77 0.38 -12.24 -7.06
CA ASP A 77 0.58 -12.39 -5.59
C ASP A 77 0.34 -11.04 -4.91
N HIS A 78 -0.01 -11.02 -3.60
CA HIS A 78 -0.20 -9.81 -2.74
C HIS A 78 -1.46 -9.07 -3.13
N VAL A 79 -2.39 -9.79 -3.75
CA VAL A 79 -3.65 -9.25 -4.30
C VAL A 79 -4.81 -10.03 -3.66
N CYS A 80 -5.70 -9.29 -3.03
CA CYS A 80 -7.00 -9.82 -2.55
C CYS A 80 -7.77 -10.47 -3.70
N ARG A 81 -8.35 -11.65 -3.45
CA ARG A 81 -9.26 -12.29 -4.43
C ARG A 81 -10.52 -11.43 -4.58
N PHE A 82 -10.90 -11.16 -5.84
CA PHE A 82 -12.18 -10.51 -6.17
C PHE A 82 -13.31 -11.55 -6.07
N ILE A 83 -14.37 -11.22 -5.32
CA ILE A 83 -15.52 -12.13 -5.11
C ILE A 83 -16.74 -11.63 -5.89
N GLY A 84 -17.07 -10.33 -5.81
CA GLY A 84 -18.19 -9.78 -6.58
C GLY A 84 -18.25 -8.28 -6.50
N CYS A 85 -19.19 -7.67 -7.18
CA CYS A 85 -19.43 -6.22 -7.10
C CYS A 85 -20.81 -5.94 -7.65
N GLY A 86 -21.34 -4.79 -7.28
CA GLY A 86 -22.70 -4.39 -7.69
C GLY A 86 -22.97 -2.91 -7.47
N ARG A 87 -24.08 -2.45 -8.03
CA ARG A 87 -24.56 -1.05 -8.06
C ARG A 87 -26.07 -1.09 -7.83
N ASN A 88 -26.60 -0.23 -6.97
CA ASN A 88 -28.07 -0.08 -6.75
C ASN A 88 -28.33 1.37 -6.33
N GLU A 89 -29.59 1.69 -6.00
CA GLU A 89 -30.05 3.09 -5.85
C GLU A 89 -29.45 3.71 -4.58
N LYS A 90 -28.91 2.90 -3.65
CA LYS A 90 -28.42 3.41 -2.33
C LYS A 90 -26.89 3.33 -2.22
N PHE A 91 -26.26 2.31 -2.79
CA PHE A 91 -24.79 2.14 -2.65
C PHE A 91 -24.22 1.30 -3.78
N ASN A 92 -22.93 1.52 -4.05
CA ASN A 92 -22.06 0.62 -4.83
C ASN A 92 -21.21 -0.19 -3.80
N TYR A 93 -20.89 -1.44 -4.19
CA TYR A 93 -20.15 -2.37 -3.31
C TYR A 93 -19.18 -3.23 -4.12
N VAL A 94 -18.16 -3.72 -3.39
CA VAL A 94 -17.21 -4.75 -3.87
C VAL A 94 -17.04 -5.70 -2.70
N VAL A 95 -17.07 -6.98 -3.01
CA VAL A 95 -16.74 -8.05 -2.06
C VAL A 95 -15.38 -8.59 -2.43
N MET A 96 -14.51 -8.73 -1.44
CA MET A 96 -13.14 -9.22 -1.65
C MET A 96 -12.72 -10.08 -0.47
N GLN A 97 -11.62 -10.80 -0.67
CA GLN A 97 -10.96 -11.59 0.36
C GLN A 97 -10.64 -10.72 1.57
N LEU A 98 -10.97 -11.21 2.75
CA LEU A 98 -10.67 -10.55 4.04
C LEU A 98 -9.22 -10.84 4.40
N GLN A 99 -8.48 -9.81 4.78
CA GLN A 99 -7.09 -9.94 5.27
C GLN A 99 -7.02 -9.61 6.77
N GLY A 100 -5.82 -9.70 7.36
CA GLY A 100 -5.65 -9.59 8.82
C GLY A 100 -4.92 -8.32 9.23
N ARG A 101 -3.85 -8.48 10.02
CA ARG A 101 -3.19 -7.36 10.75
C ARG A 101 -2.41 -6.49 9.75
N ASN A 102 -2.50 -5.16 9.89
CA ASN A 102 -1.74 -4.24 9.00
C ASN A 102 -0.34 -3.98 9.60
N LEU A 103 0.58 -3.53 8.76
CA LEU A 103 2.02 -3.43 9.12
C LEU A 103 2.21 -2.30 10.14
N ALA A 104 1.40 -1.24 10.10
CA ALA A 104 1.53 -0.12 11.09
C ALA A 104 1.18 -0.66 12.48
N ASP A 105 0.09 -1.43 12.61
CA ASP A 105 -0.32 -1.99 13.92
C ASP A 105 0.74 -3.02 14.37
N LEU A 106 1.21 -3.86 13.45
CA LEU A 106 2.26 -4.86 13.81
C LEU A 106 3.54 -4.15 14.28
N ARG A 107 3.95 -3.04 13.66
CA ARG A 107 5.17 -2.31 14.07
C ARG A 107 4.96 -1.68 15.45
N ARG A 108 3.79 -1.08 15.71
CA ARG A 108 3.52 -0.42 17.01
C ARG A 108 3.48 -1.47 18.14
N SER A 109 3.18 -2.73 17.80
CA SER A 109 3.05 -3.85 18.77
C SER A 109 4.43 -4.35 19.19
N GLN A 110 5.48 -4.03 18.43
CA GLN A 110 6.87 -4.44 18.75
C GLN A 110 7.40 -3.57 19.89
N PRO A 111 8.23 -4.14 20.78
CA PRO A 111 8.70 -3.45 21.98
C PRO A 111 9.20 -2.01 21.80
N ARG A 112 10.05 -1.79 20.78
CA ARG A 112 10.65 -0.44 20.55
C ARG A 112 10.08 0.15 19.27
N GLY A 113 8.95 -0.36 18.80
CA GLY A 113 8.33 0.07 17.55
C GLY A 113 9.24 -0.17 16.35
N THR A 114 10.09 -1.21 16.40
CA THR A 114 11.05 -1.56 15.32
C THR A 114 10.87 -3.03 14.94
N PHE A 115 11.01 -3.33 13.66
CA PHE A 115 11.15 -4.70 13.13
C PHE A 115 12.62 -5.04 13.03
N THR A 116 12.95 -6.33 13.16
CA THR A 116 14.30 -6.88 12.81
C THR A 116 14.58 -6.55 11.35
N LEU A 117 15.85 -6.60 10.96
CA LEU A 117 16.23 -6.45 9.54
C LEU A 117 15.65 -7.62 8.72
N SER A 118 15.62 -8.84 9.30
CA SER A 118 15.03 -10.04 8.64
C SER A 118 13.53 -9.78 8.26
N THR A 119 12.73 -9.27 9.18
CA THR A 119 11.29 -8.94 8.91
C THR A 119 11.23 -7.75 7.93
N THR A 120 12.03 -6.73 8.14
CA THR A 120 12.01 -5.50 7.31
C THR A 120 12.31 -5.86 5.85
N LEU A 121 13.42 -6.58 5.59
CA LEU A 121 13.86 -6.92 4.21
C LEU A 121 12.83 -7.84 3.52
N ARG A 122 12.29 -8.83 4.23
CA ARG A 122 11.33 -9.76 3.59
C ARG A 122 10.02 -9.03 3.29
N LEU A 123 9.52 -8.15 4.17
CA LEU A 123 8.35 -7.30 3.88
C LEU A 123 8.65 -6.40 2.67
N GLY A 124 9.83 -5.78 2.65
CA GLY A 124 10.28 -4.94 1.53
C GLY A 124 10.17 -5.65 0.18
N LYS A 125 10.58 -6.91 0.10
CA LYS A 125 10.47 -7.72 -1.15
C LYS A 125 9.00 -7.84 -1.57
N GLN A 126 8.11 -8.13 -0.62
CA GLN A 126 6.66 -8.35 -0.93
C GLN A 126 6.04 -7.03 -1.33
N ILE A 127 6.36 -5.94 -0.66
CA ILE A 127 5.75 -4.63 -0.98
C ILE A 127 6.23 -4.22 -2.37
N LEU A 128 7.54 -4.36 -2.66
CA LEU A 128 8.10 -4.01 -3.97
C LEU A 128 7.37 -4.81 -5.05
N GLU A 129 7.15 -6.12 -4.87
CA GLU A 129 6.41 -6.94 -5.86
C GLU A 129 5.02 -6.31 -6.13
N SER A 130 4.31 -5.94 -5.08
CA SER A 130 2.93 -5.41 -5.22
CA SER A 130 2.94 -5.37 -5.18
C SER A 130 2.98 -4.05 -5.94
N ILE A 131 4.01 -3.26 -5.69
CA ILE A 131 4.13 -1.92 -6.33
C ILE A 131 4.37 -2.14 -7.83
N GLU A 132 5.32 -3.01 -8.18
CA GLU A 132 5.57 -3.32 -9.62
C GLU A 132 4.29 -3.85 -10.27
N ALA A 133 3.51 -4.66 -9.57
CA ALA A 133 2.25 -5.26 -10.07
C ALA A 133 1.26 -4.15 -10.46
N ILE A 134 0.96 -3.21 -9.56
CA ILE A 134 -0.06 -2.16 -9.90
C ILE A 134 0.50 -1.26 -11.02
N HIS A 135 1.79 -0.95 -11.00
CA HIS A 135 2.44 -0.18 -12.09
C HIS A 135 2.28 -0.95 -13.41
N SER A 136 2.38 -2.27 -13.38
CA SER A 136 2.38 -3.11 -14.61
C SER A 136 1.01 -3.07 -15.27
N VAL A 137 -0.06 -2.73 -14.55
CA VAL A 137 -1.41 -2.64 -15.16
C VAL A 137 -1.77 -1.16 -15.38
N GLY A 138 -0.80 -0.24 -15.25
CA GLY A 138 -0.94 1.16 -15.70
C GLY A 138 -1.42 2.11 -14.60
N PHE A 139 -1.33 1.74 -13.34
CA PHE A 139 -1.81 2.56 -12.22
C PHE A 139 -0.68 2.84 -11.24
N LEU A 140 -0.74 4.05 -10.65
CA LEU A 140 -0.01 4.46 -9.45
C LEU A 140 -0.92 4.27 -8.23
N HIS A 141 -0.37 3.81 -7.11
CA HIS A 141 -1.11 3.69 -5.84
C HIS A 141 -1.26 5.09 -5.26
N ARG A 142 -0.13 5.79 -5.11
CA ARG A 142 -0.04 7.19 -4.64
C ARG A 142 -0.32 7.32 -3.13
N ASP A 143 -0.60 6.24 -2.37
CA ASP A 143 -0.64 6.36 -0.90
C ASP A 143 -0.03 5.12 -0.26
N ILE A 144 1.15 4.75 -0.71
CA ILE A 144 1.93 3.60 -0.15
C ILE A 144 2.31 3.97 1.28
N LYS A 145 1.86 3.19 2.25
CA LYS A 145 2.12 3.41 3.69
C LYS A 145 1.86 2.10 4.42
N PRO A 146 2.45 1.90 5.61
CA PRO A 146 2.36 0.61 6.28
C PRO A 146 0.91 0.13 6.52
N SER A 147 0.00 1.03 6.91
CA SER A 147 -1.40 0.66 7.25
C SER A 147 -2.14 0.12 6.01
N ASN A 148 -1.60 0.34 4.78
CA ASN A 148 -2.22 -0.13 3.50
C ASN A 148 -1.67 -1.49 3.08
N PHE A 149 -0.96 -2.19 3.95
CA PHE A 149 -0.45 -3.56 3.69
C PHE A 149 -0.83 -4.42 4.87
N ALA A 150 -1.47 -5.55 4.61
CA ALA A 150 -2.00 -6.43 5.67
C ALA A 150 -1.57 -7.86 5.43
N MET A 151 -1.19 -8.53 6.51
CA MET A 151 -0.76 -9.93 6.47
C MET A 151 -2.02 -10.80 6.28
N GLY A 152 -1.85 -12.01 5.76
CA GLY A 152 -2.98 -12.94 5.57
C GLY A 152 -3.50 -13.48 6.90
N ARG A 153 -4.59 -14.24 6.83
CA ARG A 153 -5.27 -14.77 8.03
C ARG A 153 -5.68 -16.26 7.84
N LEU A 154 -4.97 -17.00 6.97
CA LEU A 154 -5.15 -18.45 6.71
C LEU A 154 -3.81 -19.18 6.82
N PRO A 155 -3.84 -20.52 7.03
CA PRO A 155 -2.63 -21.35 6.93
C PRO A 155 -1.85 -21.17 5.59
N SER A 156 -2.57 -20.84 4.52
CA SER A 156 -2.04 -20.71 3.13
C SER A 156 -1.52 -19.29 2.89
N THR A 157 -1.76 -18.35 3.81
CA THR A 157 -1.48 -16.91 3.54
C THR A 157 -0.89 -16.13 4.72
N TYR A 158 -0.67 -16.73 5.88
CA TYR A 158 -0.33 -15.95 7.11
C TYR A 158 1.09 -15.33 6.99
N ARG A 159 1.89 -15.73 6.01
CA ARG A 159 3.25 -15.11 5.80
C ARG A 159 3.26 -14.32 4.49
N LYS A 160 2.08 -14.03 3.96
CA LYS A 160 1.88 -13.22 2.72
C LYS A 160 1.29 -11.86 3.10
N CYS A 161 1.84 -10.84 2.47
CA CYS A 161 1.52 -9.44 2.67
C CYS A 161 0.71 -8.92 1.47
N TYR A 162 -0.43 -8.28 1.72
CA TYR A 162 -1.40 -7.83 0.68
C TYR A 162 -1.51 -6.29 0.64
N MET A 163 -1.57 -5.76 -0.58
CA MET A 163 -1.76 -4.31 -0.87
CA MET A 163 -1.77 -4.31 -0.82
C MET A 163 -3.26 -3.97 -0.80
N LEU A 164 -3.63 -2.94 -0.04
CA LEU A 164 -5.02 -2.48 0.16
C LEU A 164 -5.18 -1.02 -0.29
N ASP A 165 -6.43 -0.62 -0.52
CA ASP A 165 -6.93 0.77 -0.70
C ASP A 165 -6.35 1.40 -1.96
N PHE A 166 -7.05 1.19 -3.07
CA PHE A 166 -6.76 1.87 -4.35
C PHE A 166 -7.55 3.18 -4.49
N GLY A 167 -8.11 3.70 -3.38
CA GLY A 167 -8.92 4.93 -3.38
C GLY A 167 -8.20 6.15 -3.96
N LEU A 168 -6.88 6.25 -3.81
CA LEU A 168 -6.12 7.44 -4.32
C LEU A 168 -5.33 7.08 -5.58
N ALA A 169 -5.58 5.92 -6.19
CA ALA A 169 -4.85 5.47 -7.40
C ALA A 169 -5.20 6.34 -8.63
N ARG A 170 -4.28 6.39 -9.59
CA ARG A 170 -4.49 7.12 -10.87
C ARG A 170 -3.81 6.37 -12.00
N GLN A 171 -4.54 6.22 -13.10
CA GLN A 171 -3.98 5.65 -14.35
C GLN A 171 -2.91 6.61 -14.91
N TYR A 172 -1.70 6.15 -15.14
CA TYR A 172 -0.59 7.02 -15.68
C TYR A 172 -0.37 6.76 -17.18
N THR A 173 -1.09 5.80 -17.75
CA THR A 173 -1.09 5.51 -19.21
C THR A 173 -2.41 5.95 -19.86
N ASN A 174 -2.40 6.11 -21.18
CA ASN A 174 -3.62 6.37 -21.99
C ASN A 174 -4.27 5.05 -22.36
N THR A 175 -5.30 5.10 -23.19
CA THR A 175 -6.10 3.96 -23.69
C THR A 175 -5.19 2.97 -24.45
N THR A 176 -4.10 3.46 -25.05
CA THR A 176 -3.21 2.72 -25.98
C THR A 176 -1.86 2.37 -25.31
N GLY A 177 -1.71 2.61 -24.00
CA GLY A 177 -0.54 2.16 -23.20
C GLY A 177 0.61 3.16 -23.14
N ASP A 178 0.45 4.36 -23.72
CA ASP A 178 1.47 5.46 -23.66
C ASP A 178 1.42 6.14 -22.27
N VAL A 179 2.53 6.67 -21.81
CA VAL A 179 2.56 7.53 -20.60
C VAL A 179 1.78 8.84 -20.90
N ARG A 180 0.83 9.16 -20.03
CA ARG A 180 -0.01 10.40 -20.09
C ARG A 180 0.86 11.63 -19.80
N PRO A 181 0.55 12.81 -20.39
CA PRO A 181 1.20 14.04 -19.99
C PRO A 181 0.94 14.33 -18.52
N PRO A 182 1.95 14.77 -17.76
CA PRO A 182 1.73 15.18 -16.38
C PRO A 182 1.04 16.54 -16.34
N ARG A 183 0.15 16.77 -15.39
CA ARG A 183 -0.42 18.13 -15.14
C ARG A 183 0.69 19.02 -14.56
N ASN A 184 0.73 20.32 -14.91
CA ASN A 184 1.78 21.25 -14.40
C ASN A 184 1.67 21.39 -12.86
N VAL A 185 0.44 21.27 -12.34
CA VAL A 185 0.19 21.18 -10.87
C VAL A 185 -0.80 20.04 -10.62
N ALA A 186 -0.53 19.22 -9.63
CA ALA A 186 -1.43 18.13 -9.16
C ALA A 186 -1.47 18.18 -7.63
N GLY A 187 -2.65 18.44 -7.05
CA GLY A 187 -2.80 18.58 -5.60
C GLY A 187 -2.55 17.25 -4.94
N PHE A 188 -1.51 17.14 -4.15
CA PHE A 188 -1.21 15.90 -3.42
C PHE A 188 -2.24 15.73 -2.29
N ARG A 189 -2.95 14.61 -2.27
CA ARG A 189 -4.07 14.43 -1.29
C ARG A 189 -3.82 13.21 -0.40
N GLY A 190 -2.60 12.70 -0.37
CA GLY A 190 -2.24 11.46 0.35
C GLY A 190 -1.68 11.72 1.74
N THR A 191 -1.08 10.70 2.35
CA THR A 191 -0.58 10.75 3.75
C THR A 191 0.77 11.49 3.77
N VAL A 192 1.01 12.33 4.78
CA VAL A 192 2.19 13.23 4.78
C VAL A 192 3.49 12.43 5.01
N ARG A 193 3.52 11.53 5.99
CA ARG A 193 4.81 11.00 6.55
C ARG A 193 5.65 10.34 5.44
N TYR A 194 5.04 9.62 4.47
CA TYR A 194 5.77 8.78 3.47
C TYR A 194 5.72 9.41 2.07
N ALA A 195 5.25 10.64 1.94
CA ALA A 195 5.16 11.36 0.65
C ALA A 195 6.57 11.79 0.17
N SER A 196 6.84 11.60 -1.10
CA SER A 196 8.07 12.09 -1.76
C SER A 196 8.11 13.61 -1.77
N VAL A 197 9.29 14.17 -2.00
CA VAL A 197 9.47 15.63 -2.15
C VAL A 197 8.67 16.09 -3.37
N ASN A 198 8.56 15.25 -4.41
CA ASN A 198 7.82 15.58 -5.66
C ASN A 198 6.33 15.80 -5.31
N ALA A 199 5.77 14.94 -4.46
CA ALA A 199 4.36 15.01 -4.00
C ALA A 199 4.18 16.27 -3.16
N HIS A 200 5.10 16.56 -2.25
CA HIS A 200 5.06 17.78 -1.41
C HIS A 200 4.99 19.04 -2.30
N LYS A 201 5.64 19.01 -3.47
CA LYS A 201 5.70 20.18 -4.39
C LYS A 201 4.44 20.25 -5.27
N ASN A 202 3.48 19.37 -5.08
CA ASN A 202 2.22 19.32 -5.86
C ASN A 202 2.57 19.15 -7.34
N ARG A 203 3.54 18.27 -7.63
CA ARG A 203 3.91 17.84 -9.00
C ARG A 203 3.16 16.55 -9.31
N GLU A 204 2.82 16.32 -10.58
CA GLU A 204 2.27 15.01 -11.01
C GLU A 204 3.15 13.90 -10.42
N MET A 205 2.55 12.94 -9.76
CA MET A 205 3.26 11.79 -9.17
C MET A 205 3.55 10.77 -10.27
N GLY A 206 4.65 10.05 -10.12
CA GLY A 206 5.03 8.95 -11.02
C GLY A 206 5.33 7.68 -10.25
N ARG A 207 5.78 6.66 -10.97
CA ARG A 207 6.09 5.33 -10.38
C ARG A 207 7.17 5.50 -9.30
N HIS A 208 8.09 6.43 -9.50
CA HIS A 208 9.23 6.63 -8.57
C HIS A 208 8.67 7.12 -7.22
N ASP A 209 7.58 7.85 -7.22
CA ASP A 209 7.04 8.42 -5.95
C ASP A 209 6.49 7.30 -5.08
N ASP A 210 5.91 6.26 -5.67
CA ASP A 210 5.49 5.06 -4.91
C ASP A 210 6.74 4.41 -4.27
N LEU A 211 7.88 4.40 -4.97
CA LEU A 211 9.11 3.74 -4.44
C LEU A 211 9.76 4.63 -3.38
N TRP A 212 9.63 5.96 -3.48
CA TRP A 212 10.03 6.88 -2.38
C TRP A 212 9.29 6.47 -1.11
N SER A 213 7.97 6.24 -1.21
CA SER A 213 7.15 5.87 -0.02
C SER A 213 7.68 4.57 0.56
N LEU A 214 7.98 3.58 -0.29
CA LEU A 214 8.59 2.31 0.16
C LEU A 214 9.90 2.58 0.89
N PHE A 215 10.77 3.41 0.33
CA PHE A 215 12.07 3.73 0.96
C PHE A 215 11.84 4.23 2.38
N TYR A 216 10.98 5.24 2.56
CA TYR A 216 10.72 5.84 3.89
C TYR A 216 10.14 4.79 4.84
N MET A 217 9.20 3.99 4.35
CA MET A 217 8.57 2.90 5.16
C MET A 217 9.67 2.01 5.76
N LEU A 218 10.62 1.55 4.94
CA LEU A 218 11.59 0.51 5.37
C LEU A 218 12.60 1.11 6.36
N VAL A 219 12.97 2.39 6.19
CA VAL A 219 13.77 3.10 7.19
C VAL A 219 13.00 3.13 8.53
N GLU A 220 11.72 3.49 8.48
CA GLU A 220 10.92 3.58 9.71
C GLU A 220 10.81 2.18 10.37
N PHE A 221 10.63 1.13 9.57
CA PHE A 221 10.53 -0.27 10.08
C PHE A 221 11.82 -0.62 10.85
N ALA A 222 12.98 -0.32 10.27
CA ALA A 222 14.29 -0.82 10.79
C ALA A 222 14.77 0.03 11.96
N VAL A 223 14.51 1.34 11.90
CA VAL A 223 15.09 2.35 12.83
C VAL A 223 14.05 2.74 13.87
N GLY A 224 12.75 2.57 13.57
CA GLY A 224 11.63 2.81 14.50
C GLY A 224 11.03 4.21 14.38
N GLN A 225 11.58 5.04 13.51
CA GLN A 225 11.15 6.46 13.40
C GLN A 225 11.69 7.07 12.12
N LEU A 226 11.01 8.13 11.65
CA LEU A 226 11.55 9.10 10.66
C LEU A 226 11.78 10.45 11.34
N PRO A 227 12.72 11.27 10.82
CA PRO A 227 13.11 12.51 11.49
C PRO A 227 11.95 13.50 11.71
N TRP A 228 10.91 13.41 10.87
CA TRP A 228 9.79 14.38 10.80
C TRP A 228 8.53 13.84 11.48
N ARG A 229 8.60 12.71 12.21
CA ARG A 229 7.39 11.99 12.68
C ARG A 229 6.53 12.88 13.61
N LYS A 230 7.14 13.81 14.35
CA LYS A 230 6.39 14.66 15.33
C LYS A 230 5.70 15.83 14.62
N ILE A 231 5.88 16.00 13.31
CA ILE A 231 5.38 17.19 12.56
C ILE A 231 4.24 16.74 11.63
N LYS A 232 3.03 17.24 11.86
CA LYS A 232 1.82 16.80 11.11
C LYS A 232 1.56 17.73 9.92
N ASP A 233 2.02 18.99 9.97
CA ASP A 233 1.76 20.00 8.91
C ASP A 233 2.45 19.59 7.61
N LYS A 234 1.69 19.48 6.51
CA LYS A 234 2.20 19.01 5.20
C LYS A 234 3.35 19.93 4.72
N GLU A 235 3.19 21.24 4.78
CA GLU A 235 4.19 22.18 4.18
C GLU A 235 5.57 22.05 4.93
N GLN A 236 5.48 22.04 6.26
CA GLN A 236 6.68 21.93 7.17
C GLN A 236 7.41 20.63 6.88
N VAL A 237 6.69 19.52 6.76
CA VAL A 237 7.32 18.18 6.52
C VAL A 237 8.09 18.22 5.18
N GLY A 238 7.42 18.76 4.14
CA GLY A 238 8.04 18.91 2.82
C GLY A 238 9.34 19.71 2.91
N MET A 239 9.36 20.78 3.70
CA MET A 239 10.55 21.68 3.81
C MET A 239 11.66 20.96 4.58
N ILE A 240 11.28 20.11 5.55
CA ILE A 240 12.27 19.27 6.29
C ILE A 240 12.86 18.21 5.32
N LYS A 241 12.02 17.52 4.54
CA LYS A 241 12.51 16.47 3.60
C LYS A 241 13.39 17.08 2.51
N GLU A 242 13.09 18.31 2.08
CA GLU A 242 13.71 18.90 0.86
C GLU A 242 15.21 19.07 1.12
N LYS A 243 15.58 19.41 2.35
CA LYS A 243 16.97 19.70 2.76
C LYS A 243 17.66 18.47 3.38
N TYR A 244 16.89 17.54 3.96
CA TYR A 244 17.43 16.41 4.78
C TYR A 244 18.44 15.63 3.93
N GLU A 245 19.64 15.42 4.48
CA GLU A 245 20.66 14.58 3.82
C GLU A 245 20.20 13.13 3.93
N HIS A 246 19.64 12.58 2.87
CA HIS A 246 18.92 11.28 2.93
C HIS A 246 19.91 10.14 3.22
N ARG A 247 21.21 10.30 2.90
CA ARG A 247 22.20 9.20 3.19
C ARG A 247 22.24 8.92 4.74
N MET A 248 22.00 10.00 5.52
CA MET A 248 21.92 9.98 7.03
C MET A 248 20.83 8.97 7.46
N LEU A 249 19.76 8.81 6.67
CA LEU A 249 18.67 7.87 7.02
C LEU A 249 19.21 6.45 7.04
N LEU A 250 20.35 6.21 6.36
CA LEU A 250 20.88 4.84 6.09
C LEU A 250 22.07 4.48 7.04
N LYS A 251 22.39 5.40 7.96
CA LYS A 251 23.52 5.24 8.95
C LYS A 251 23.48 3.84 9.57
N HIS A 252 22.30 3.37 9.95
CA HIS A 252 22.05 2.08 10.67
C HIS A 252 21.28 1.09 9.77
N MET A 253 21.29 1.31 8.44
CA MET A 253 20.68 0.41 7.41
C MET A 253 21.80 -0.31 6.63
N PRO A 254 21.51 -1.41 5.91
CA PRO A 254 22.52 -2.06 5.08
C PRO A 254 23.05 -1.11 3.98
N SER A 255 24.38 -1.14 3.72
CA SER A 255 25.06 -0.21 2.78
C SER A 255 24.42 -0.28 1.36
N GLU A 256 23.90 -1.54 0.99
CA GLU A 256 23.21 -1.76 -0.31
C GLU A 256 22.10 -0.70 -0.53
N PHE A 257 21.51 -0.17 0.56
CA PHE A 257 20.37 0.77 0.48
C PHE A 257 20.81 2.06 -0.22
N HIS A 258 22.12 2.37 -0.26
CA HIS A 258 22.59 3.57 -1.01
C HIS A 258 22.21 3.45 -2.53
N LEU A 259 22.34 2.21 -3.06
CA LEU A 259 22.02 1.88 -4.49
C LEU A 259 20.52 2.20 -4.77
N PHE A 260 19.66 1.84 -3.82
CA PHE A 260 18.19 2.12 -3.83
C PHE A 260 17.98 3.63 -3.82
N LEU A 261 18.59 4.34 -2.87
CA LEU A 261 18.44 5.81 -2.72
C LEU A 261 18.89 6.50 -4.03
N ASP A 262 20.03 6.11 -4.54
CA ASP A 262 20.68 6.78 -5.69
C ASP A 262 19.80 6.55 -6.92
N HIS A 263 19.29 5.33 -7.09
CA HIS A 263 18.42 4.97 -8.22
C HIS A 263 17.15 5.84 -8.19
N ILE A 264 16.41 5.85 -7.09
CA ILE A 264 15.10 6.55 -7.11
C ILE A 264 15.34 8.07 -7.19
N ALA A 265 16.46 8.55 -6.66
CA ALA A 265 16.85 9.99 -6.74
C ALA A 265 17.08 10.37 -8.20
N SER A 266 17.39 9.40 -9.07
CA SER A 266 17.78 9.65 -10.47
C SER A 266 16.52 9.70 -11.35
N LEU A 267 15.38 9.22 -10.84
CA LEU A 267 14.16 8.97 -11.65
C LEU A 267 13.38 10.30 -11.79
N ASP A 268 12.61 10.42 -12.87
CA ASP A 268 11.63 11.51 -13.06
C ASP A 268 10.27 10.87 -13.36
N TYR A 269 9.25 11.69 -13.59
CA TYR A 269 7.88 11.23 -13.89
C TYR A 269 7.86 10.21 -15.06
N PHE A 270 8.68 10.41 -16.08
CA PHE A 270 8.58 9.67 -17.37
C PHE A 270 9.30 8.32 -17.34
N THR A 271 10.29 8.14 -16.46
CA THR A 271 11.27 7.03 -16.52
C THR A 271 10.73 5.79 -15.79
N LYS A 272 10.71 4.63 -16.45
CA LYS A 272 10.37 3.36 -15.78
C LYS A 272 11.44 3.05 -14.73
N PRO A 273 11.07 2.79 -13.47
CA PRO A 273 12.04 2.37 -12.46
C PRO A 273 12.70 1.03 -12.80
N ASP A 274 13.91 0.83 -12.26
CA ASP A 274 14.62 -0.47 -12.26
C ASP A 274 14.19 -1.26 -11.01
N TYR A 275 13.03 -1.94 -11.07
CA TYR A 275 12.50 -2.75 -9.94
C TYR A 275 13.52 -3.87 -9.59
N GLN A 276 14.17 -4.46 -10.59
CA GLN A 276 15.12 -5.58 -10.31
CA GLN A 276 15.14 -5.56 -10.35
C GLN A 276 16.31 -5.06 -9.50
N LEU A 277 16.80 -3.86 -9.79
CA LEU A 277 17.91 -3.22 -9.01
C LEU A 277 17.47 -3.14 -7.53
N ILE A 278 16.25 -2.68 -7.28
CA ILE A 278 15.76 -2.52 -5.89
C ILE A 278 15.58 -3.90 -5.25
N MET A 279 15.00 -4.88 -5.96
CA MET A 279 14.86 -6.27 -5.46
C MET A 279 16.24 -6.81 -5.02
N SER A 280 17.27 -6.61 -5.86
CA SER A 280 18.66 -7.10 -5.61
C SER A 280 19.23 -6.47 -4.34
N VAL A 281 18.95 -5.19 -4.09
CA VAL A 281 19.32 -4.54 -2.81
C VAL A 281 18.79 -5.37 -1.65
N PHE A 282 17.49 -5.71 -1.64
CA PHE A 282 16.88 -6.49 -0.52
C PHE A 282 17.54 -7.90 -0.44
N GLU A 283 17.66 -8.58 -1.58
CA GLU A 283 18.15 -10.00 -1.66
C GLU A 283 19.62 -10.04 -1.26
N ASN A 284 20.44 -9.09 -1.72
CA ASN A 284 21.88 -9.02 -1.36
C ASN A 284 22.01 -8.68 0.13
N SER A 285 21.12 -7.83 0.66
CA SER A 285 21.17 -7.43 2.09
C SER A 285 20.86 -8.67 2.96
N MET A 286 19.91 -9.51 2.46
CA MET A 286 19.54 -10.76 3.18
C MET A 286 20.71 -11.77 3.11
N LYS A 287 21.26 -11.99 1.91
CA LYS A 287 22.34 -12.99 1.67
C LYS A 287 23.57 -12.64 2.52
N GLU A 288 23.96 -11.35 2.58
CA GLU A 288 25.13 -10.86 3.36
C GLU A 288 24.99 -11.29 4.83
N ARG A 289 23.76 -11.39 5.34
CA ARG A 289 23.47 -11.50 6.81
C ARG A 289 22.87 -12.90 7.15
N GLY A 290 22.95 -13.81 6.14
CA GLY A 290 22.46 -15.20 6.23
C GLY A 290 20.97 -15.25 6.54
N ILE A 291 20.21 -14.22 6.17
CA ILE A 291 18.74 -14.19 6.40
C ILE A 291 18.07 -15.07 5.33
N ALA A 292 17.33 -16.09 5.78
CA ALA A 292 16.58 -17.02 4.91
C ALA A 292 15.14 -16.53 4.79
N GLU A 293 14.48 -16.91 3.68
CA GLU A 293 13.06 -16.53 3.39
C GLU A 293 12.12 -17.22 4.40
N ASN A 294 12.46 -18.43 4.86
CA ASN A 294 11.58 -19.26 5.70
C ASN A 294 11.65 -18.84 7.18
N GLU A 295 12.33 -17.73 7.51
CA GLU A 295 12.51 -17.27 8.93
C GLU A 295 11.14 -16.89 9.50
N ALA A 296 10.98 -16.96 10.82
CA ALA A 296 9.81 -16.42 11.55
C ALA A 296 9.73 -14.91 11.27
N PHE A 297 8.54 -14.33 11.12
CA PHE A 297 8.33 -12.87 11.24
C PHE A 297 8.35 -12.52 12.74
N ASP A 298 8.63 -11.26 13.07
CA ASP A 298 8.85 -10.82 14.46
C ASP A 298 7.63 -11.15 15.32
N TRP A 299 6.42 -11.05 14.76
CA TRP A 299 5.15 -11.16 15.54
C TRP A 299 4.80 -12.63 15.82
N GLU A 300 5.48 -13.60 15.17
CA GLU A 300 5.22 -15.07 15.34
C GLU A 300 5.95 -15.58 16.59
N LYS A 301 5.31 -16.48 17.32
CA LYS A 301 5.88 -17.24 18.49
C LYS A 301 7.34 -17.64 18.24
N ALA A 302 7.68 -18.02 17.01
CA ALA A 302 9.04 -18.45 16.61
C ALA A 302 9.95 -17.22 16.48
P PO4 B . -6.34 13.48 -8.74
O1 PO4 B . -4.84 13.48 -8.94
O2 PO4 B . -6.67 14.12 -7.39
O3 PO4 B . -6.88 12.04 -8.79
O4 PO4 B . -7.01 14.31 -9.87
C1 EDO C . -5.31 -12.75 -6.79
O1 EDO C . -4.16 -13.39 -7.27
C2 EDO C . -6.51 -13.60 -6.93
O2 EDO C . -6.97 -14.08 -5.68
C1 EDO D . -9.35 -16.78 -0.48
O1 EDO D . -10.01 -15.80 -1.25
C2 EDO D . -10.17 -17.25 0.65
O2 EDO D . -11.38 -17.80 0.22
C1 EDO E . -6.00 0.75 5.34
O1 EDO E . -6.66 1.23 6.49
C2 EDO E . -6.02 -0.73 5.24
O2 EDO E . -5.65 -1.38 6.45
C1 EDO F . -6.19 -11.28 12.46
O1 EDO F . -5.25 -12.17 11.98
C2 EDO F . -6.37 -11.34 13.92
O2 EDO F . -5.96 -10.16 14.61
C1 EDO G . 16.36 13.79 -1.16
O1 EDO G . 17.20 13.34 -2.19
C2 EDO G . 15.32 14.74 -1.63
O2 EDO G . 14.31 14.09 -2.39
C1 EDO H . 7.08 2.50 -20.25
O1 EDO H . 7.30 3.10 -18.99
C2 EDO H . 5.83 1.72 -20.32
O2 EDO H . 4.68 2.50 -20.05
N1 IQY I . -9.61 -4.92 3.48
C2 IQY I . -9.72 -1.86 -2.80
N3 IQY I . -9.19 -7.07 4.46
C4 IQY I . -9.64 -1.44 -0.15
C5 IQY I . -9.57 -1.19 1.26
C6 IQY I . -9.61 0.12 1.73
O IQY I . -9.29 -0.66 -3.46
C1 IQY I . -8.79 -3.00 -3.24
C IQY I . -7.53 -3.12 -2.46
C20 IQY I . -11.15 -2.15 -3.22
C21 IQY I . -11.31 -2.63 -4.64
C3 IQY I . -9.66 -1.68 -1.33
C12 IQY I . -9.53 -2.26 2.17
C11 IQY I . -9.54 -2.00 3.55
C8 IQY I . -9.62 -0.67 3.99
C7 IQY I . -9.65 0.39 3.09
C10 IQY I . -9.49 -2.85 4.76
C13 IQY I . -9.37 -4.34 4.67
C16 IQY I . -8.99 -5.10 5.80
C15 IQY I . -8.96 -6.46 5.62
C14 IQY I . -9.50 -6.27 3.43
N2 IQY I . -9.64 -6.84 2.24
C17 IQY I . -8.56 -4.51 7.13
C18 IQY I . -9.62 -3.67 7.78
C19 IQY I . -9.57 -2.20 7.34
C9 IQY I . -9.55 -1.95 5.86
N IQY I . -9.63 -0.65 5.38
#